data_3C6C
#
_entry.id   3C6C
#
_cell.length_a   50.339
_cell.length_b   121.397
_cell.length_c   133.028
_cell.angle_alpha   90.000
_cell.angle_beta   90.000
_cell.angle_gamma   90.000
#
_symmetry.space_group_name_H-M   'I 2 2 2'
#
loop_
_entity.id
_entity.type
_entity.pdbx_description
1 polymer '3-keto-5-aminohexanoate cleavage enzyme'
2 non-polymer 'NICKEL (II) ION'
3 non-polymer 'ACETATE ION'
4 non-polymer 1,2-ETHANEDIOL
5 non-polymer DI(HYDROXYETHYL)ETHER
6 water water
#
_entity_poly.entity_id   1
_entity_poly.type   'polypeptide(L)'
_entity_poly.pdbx_seq_one_letter_code
;(MSE)GSDKIHHHHHHENLYFQG(MSE)SRKVILTCAVTGNAPFNPKHPS(MSE)PITPAQIADACVEAAKAGASVAHIH
VRDPKTGGGSRDPVLFKEVVDRVRSSGTDIVLNLTCGLGAFLLPDPEDESKALPESDVVPVAERVKHLEDCLPEIASLDI
TTGNQVEGKLEFVYLNTTRTLRA(MSE)ARRFQELGIKPELEVFSPGDILFGKQLIEEGLIDGVPLFQ(MSE)VLGVLWG
APASTET(MSE)IYQRNLIPANAQWAAFGIGRDQ(MSE)P(MSE)(MSE)AQAALLGGNVRVGLEDNLYLSRGVFATNGQ
LVERARTVIEHLG(MSE)SVATPDEARDI(MSE)GLSRPA
;
_entity_poly.pdbx_strand_id   A
#
# COMPACT_ATOMS: atom_id res chain seq x y z
N SER A 21 -18.31 16.89 -9.64
CA SER A 21 -17.01 16.20 -9.92
C SER A 21 -16.20 15.95 -8.63
N ARG A 22 -16.35 14.75 -8.09
CA ARG A 22 -15.52 14.33 -6.96
C ARG A 22 -14.07 14.30 -7.40
N LYS A 23 -13.21 14.64 -6.45
CA LYS A 23 -11.77 14.50 -6.61
C LYS A 23 -11.36 13.16 -6.02
N VAL A 24 -10.87 12.30 -6.90
CA VAL A 24 -10.47 10.95 -6.54
C VAL A 24 -8.99 10.90 -6.20
N ILE A 25 -8.67 10.37 -5.02
CA ILE A 25 -7.26 10.22 -4.60
C ILE A 25 -6.71 9.02 -5.34
N LEU A 26 -5.58 9.25 -6.01
CA LEU A 26 -4.87 8.18 -6.73
C LEU A 26 -3.48 8.02 -6.14
N THR A 27 -3.28 6.80 -5.67
CA THR A 27 -1.99 6.33 -5.15
C THR A 27 -1.30 5.47 -6.21
N CYS A 28 -0.03 5.77 -6.41
CA CYS A 28 0.84 4.92 -7.24
C CYS A 28 1.82 4.16 -6.40
N ALA A 29 1.64 2.85 -6.42
CA ALA A 29 2.47 1.86 -5.73
C ALA A 29 3.59 1.49 -6.67
N VAL A 30 4.75 2.12 -6.47
CA VAL A 30 5.76 2.22 -7.53
C VAL A 30 6.63 0.97 -7.75
N THR A 31 6.77 0.08 -6.74
CA THR A 31 7.66 -1.07 -6.96
C THR A 31 7.28 -2.35 -6.20
N GLY A 32 6.94 -2.18 -4.93
CA GLY A 32 6.59 -3.30 -4.09
C GLY A 32 7.78 -4.18 -3.77
N ASN A 33 7.46 -5.38 -3.30
CA ASN A 33 8.51 -6.36 -2.92
C ASN A 33 8.29 -7.75 -3.52
N ALA A 34 7.32 -7.89 -4.43
CA ALA A 34 7.21 -9.13 -5.21
C ALA A 34 8.50 -9.33 -6.01
N PRO A 35 8.89 -10.59 -6.24
CA PRO A 35 10.13 -10.86 -6.98
C PRO A 35 10.34 -10.05 -8.27
N PHE A 36 11.55 -9.57 -8.41
CA PHE A 36 11.98 -8.79 -9.59
C PHE A 36 11.93 -9.71 -10.81
N ASN A 37 11.19 -9.27 -11.82
CA ASN A 37 11.19 -9.92 -13.15
C ASN A 37 12.08 -9.11 -14.10
N PRO A 38 13.31 -9.58 -14.33
CA PRO A 38 14.30 -8.79 -15.05
C PRO A 38 14.01 -8.61 -16.55
N LYS A 39 12.95 -9.24 -17.04
CA LYS A 39 12.46 -8.90 -18.40
C LYS A 39 11.85 -7.49 -18.46
N HIS A 40 11.41 -7.01 -17.30
CA HIS A 40 10.91 -5.63 -17.20
C HIS A 40 12.11 -4.67 -17.18
N PRO A 41 12.26 -3.86 -18.24
CA PRO A 41 13.54 -3.18 -18.46
C PRO A 41 13.77 -1.92 -17.65
N SER A 42 12.75 -1.53 -16.89
CA SER A 42 12.82 -0.29 -16.09
C SER A 42 12.25 -0.45 -14.71
N PRO A 44 11.83 -0.29 -10.94
CA PRO A 44 12.58 0.51 -9.96
C PRO A 44 13.18 -0.33 -8.83
N ILE A 45 14.51 -0.36 -8.80
CA ILE A 45 15.23 -1.21 -7.83
C ILE A 45 16.00 -0.43 -6.78
N THR A 46 16.83 0.48 -7.25
CA THR A 46 17.66 1.34 -6.36
C THR A 46 16.81 2.46 -5.76
N PRO A 47 17.26 3.06 -4.63
CA PRO A 47 16.47 4.16 -4.12
C PRO A 47 16.28 5.32 -5.11
N ALA A 48 17.27 5.55 -5.97
CA ALA A 48 17.21 6.62 -6.94
C ALA A 48 16.12 6.29 -7.97
N GLN A 49 16.06 5.04 -8.38
CA GLN A 49 15.07 4.60 -9.38
C GLN A 49 13.66 4.68 -8.79
N ILE A 50 13.59 4.33 -7.52
CA ILE A 50 12.29 4.31 -6.81
C ILE A 50 11.77 5.73 -6.60
N ALA A 51 12.67 6.64 -6.22
CA ALA A 51 12.33 8.06 -6.11
C ALA A 51 11.93 8.59 -7.47
N ASP A 52 12.70 8.25 -8.49
CA ASP A 52 12.43 8.72 -9.86
C ASP A 52 11.00 8.30 -10.27
N ALA A 53 10.63 7.10 -9.84
CA ALA A 53 9.31 6.53 -10.19
C ALA A 53 8.20 7.29 -9.47
N CYS A 54 8.47 7.72 -8.23
CA CYS A 54 7.50 8.54 -7.48
C CYS A 54 7.27 9.86 -8.17
N VAL A 55 8.36 10.45 -8.64
CA VAL A 55 8.30 11.75 -9.32
C VAL A 55 7.55 11.64 -10.65
N GLU A 56 7.85 10.59 -11.38
CA GLU A 56 7.19 10.26 -12.65
C GLU A 56 5.67 10.09 -12.45
N ALA A 57 5.32 9.38 -11.40
CA ALA A 57 3.91 9.19 -11.04
C ALA A 57 3.25 10.53 -10.71
N ALA A 58 3.95 11.36 -9.92
CA ALA A 58 3.45 12.69 -9.54
C ALA A 58 3.16 13.54 -10.78
N LYS A 59 4.12 13.53 -11.68
CA LYS A 59 4.03 14.36 -12.87
C LYS A 59 2.87 13.93 -13.76
N ALA A 60 2.53 12.65 -13.68
CA ALA A 60 1.38 12.11 -14.44
C ALA A 60 0.03 12.37 -13.75
N GLY A 61 0.10 12.86 -12.51
CA GLY A 61 -1.07 13.28 -11.73
C GLY A 61 -1.37 12.52 -10.43
N ALA A 62 -0.49 11.64 -10.01
CA ALA A 62 -0.70 10.87 -8.78
C ALA A 62 -0.72 11.78 -7.55
N SER A 63 -1.62 11.43 -6.63
CA SER A 63 -1.82 12.18 -5.37
C SER A 63 -0.81 11.74 -4.30
N VAL A 64 -0.56 10.44 -4.30
CA VAL A 64 0.21 9.73 -3.29
C VAL A 64 1.11 8.69 -3.96
N ALA A 65 2.30 8.51 -3.38
CA ALA A 65 3.24 7.43 -3.76
C ALA A 65 3.38 6.44 -2.60
N HIS A 66 3.09 5.19 -2.91
CA HIS A 66 3.29 4.07 -1.97
C HIS A 66 4.61 3.40 -2.29
N ILE A 67 5.47 3.40 -1.28
CA ILE A 67 6.89 3.08 -1.39
C ILE A 67 7.33 1.87 -0.57
N HIS A 68 7.99 0.97 -1.29
CA HIS A 68 8.82 -0.10 -0.72
C HIS A 68 10.24 0.18 -1.17
N VAL A 69 11.17 -0.50 -0.52
CA VAL A 69 12.56 -0.51 -0.96
C VAL A 69 12.97 -1.94 -1.27
N ARG A 70 13.98 -2.06 -2.13
CA ARG A 70 14.51 -3.34 -2.57
C ARG A 70 16.00 -3.41 -2.31
N ASP A 71 16.51 -4.62 -2.13
CA ASP A 71 17.97 -4.78 -2.04
C ASP A 71 18.59 -4.28 -3.32
N PRO A 72 19.43 -3.21 -3.24
CA PRO A 72 19.78 -2.40 -4.39
C PRO A 72 20.58 -3.21 -5.35
N LYS A 73 21.04 -4.33 -4.83
CA LYS A 73 21.80 -5.28 -5.61
C LYS A 73 20.82 -6.08 -6.38
N THR A 74 20.19 -6.98 -5.59
CA THR A 74 19.44 -8.17 -6.07
C THR A 74 18.00 -7.93 -6.47
N GLY A 75 17.50 -6.76 -6.14
CA GLY A 75 16.11 -6.42 -6.45
C GLY A 75 15.14 -7.16 -5.57
N GLY A 76 15.70 -7.93 -4.65
CA GLY A 76 14.97 -8.63 -3.59
C GLY A 76 14.39 -7.74 -2.50
N GLY A 77 13.57 -8.34 -1.67
CA GLY A 77 12.92 -7.63 -0.56
C GLY A 77 13.91 -7.02 0.40
N SER A 78 13.54 -5.83 0.88
CA SER A 78 14.32 -5.17 1.91
C SER A 78 13.43 -4.33 2.79
N ARG A 79 13.86 -4.18 4.03
CA ARG A 79 13.25 -3.21 4.92
C ARG A 79 14.32 -2.30 5.58
N ASP A 80 15.45 -2.16 4.90
CA ASP A 80 16.57 -1.32 5.41
C ASP A 80 16.16 0.14 5.56
N PRO A 81 16.15 0.68 6.80
CA PRO A 81 15.72 2.07 7.01
C PRO A 81 16.57 3.09 6.25
N VAL A 82 17.82 2.72 6.00
CA VAL A 82 18.75 3.59 5.29
C VAL A 82 18.28 3.83 3.86
N LEU A 83 17.73 2.77 3.28
CA LEU A 83 17.23 2.83 1.90
C LEU A 83 15.96 3.66 1.84
N PHE A 84 15.10 3.47 2.84
CA PHE A 84 13.85 4.25 2.92
C PHE A 84 14.19 5.75 3.01
N LYS A 85 15.16 6.06 3.86
CA LYS A 85 15.57 7.46 4.07
C LYS A 85 16.09 8.11 2.79
N GLU A 86 16.84 7.33 2.02
CA GLU A 86 17.40 7.84 0.76
C GLU A 86 16.25 8.13 -0.22
N VAL A 87 15.27 7.24 -0.25
CA VAL A 87 14.14 7.44 -1.19
C VAL A 87 13.41 8.74 -0.83
N VAL A 88 13.10 8.90 0.44
CA VAL A 88 12.30 10.04 0.91
CA VAL A 88 12.27 10.05 0.87
C VAL A 88 13.07 11.35 0.73
N ASP A 89 14.37 11.27 0.98
CA ASP A 89 15.26 12.43 0.82
C ASP A 89 15.29 12.87 -0.65
N ARG A 90 15.37 11.88 -1.54
CA ARG A 90 15.36 12.14 -2.99
C ARG A 90 14.05 12.75 -3.47
N VAL A 91 12.93 12.20 -3.04
CA VAL A 91 11.62 12.68 -3.55
C VAL A 91 11.42 14.10 -3.04
N ARG A 92 11.74 14.29 -1.78
CA ARG A 92 11.52 15.57 -1.11
C ARG A 92 12.39 16.69 -1.67
N SER A 93 13.47 16.32 -2.32
CA SER A 93 14.42 17.29 -2.87
C SER A 93 14.33 17.36 -4.39
N SER A 94 13.29 16.73 -4.90
CA SER A 94 13.15 16.55 -6.35
C SER A 94 12.60 17.77 -7.05
N GLY A 95 11.94 18.58 -6.27
CA GLY A 95 11.21 19.75 -6.78
C GLY A 95 9.76 19.44 -7.15
N THR A 96 9.39 18.19 -6.91
CA THR A 96 8.03 17.69 -7.15
C THR A 96 7.46 17.19 -5.85
N ASP A 97 6.24 17.64 -5.55
CA ASP A 97 5.48 17.23 -4.36
C ASP A 97 4.53 16.09 -4.66
N ILE A 98 4.44 15.24 -3.66
CA ILE A 98 3.52 14.08 -3.62
C ILE A 98 3.45 13.60 -2.16
N VAL A 99 2.27 13.15 -1.74
CA VAL A 99 2.08 12.60 -0.38
C VAL A 99 2.83 11.26 -0.37
N LEU A 100 3.61 11.03 0.67
CA LEU A 100 4.35 9.77 0.84
C LEU A 100 3.64 8.80 1.78
N ASN A 101 3.53 7.58 1.28
CA ASN A 101 2.93 6.42 1.99
C ASN A 101 3.97 5.29 2.00
N LEU A 102 4.62 5.13 3.14
CA LEU A 102 5.63 4.07 3.27
C LEU A 102 5.00 2.78 3.75
N THR A 103 5.42 1.68 3.12
CA THR A 103 4.97 0.38 3.58
C THR A 103 5.43 0.16 5.02
N CYS A 104 4.52 -0.40 5.79
CA CYS A 104 4.85 -0.91 7.12
C CYS A 104 4.24 -2.28 7.32
N GLY A 105 4.08 -2.99 6.19
CA GLY A 105 3.57 -4.36 6.15
C GLY A 105 4.63 -5.38 6.52
N LEU A 106 5.84 -4.86 6.54
CA LEU A 106 7.08 -5.62 6.87
C LEU A 106 7.12 -6.22 8.27
N GLY A 107 7.85 -7.32 8.38
CA GLY A 107 8.14 -7.97 9.67
C GLY A 107 7.02 -8.80 10.29
N ALA A 108 6.16 -9.33 9.44
CA ALA A 108 4.99 -10.11 9.85
C ALA A 108 4.99 -11.44 9.12
N PHE A 109 6.16 -11.78 8.62
CA PHE A 109 6.33 -12.94 7.71
C PHE A 109 6.69 -14.23 8.44
N LEU A 110 5.70 -15.11 8.52
CA LEU A 110 5.80 -16.38 9.28
C LEU A 110 5.74 -17.59 8.38
N LEU A 111 6.72 -18.45 8.59
CA LEU A 111 6.82 -19.74 7.88
C LEU A 111 6.85 -20.86 8.90
N PRO A 112 5.67 -21.40 9.26
CA PRO A 112 5.66 -22.48 10.25
C PRO A 112 6.46 -23.70 9.80
N ASP A 113 7.22 -24.22 10.75
CA ASP A 113 8.04 -25.44 10.54
C ASP A 113 7.12 -26.64 10.31
N PRO A 114 7.22 -27.29 9.15
CA PRO A 114 6.26 -28.37 8.93
C PRO A 114 6.36 -29.51 9.91
N GLU A 115 7.50 -29.58 10.59
CA GLU A 115 7.80 -30.71 11.49
C GLU A 115 7.20 -30.43 12.84
N ASP A 116 6.90 -29.15 13.00
CA ASP A 116 6.32 -28.60 14.23
C ASP A 116 5.90 -27.16 14.04
N GLU A 117 4.62 -27.00 13.71
CA GLU A 117 4.11 -25.71 13.24
C GLU A 117 4.03 -24.68 14.36
N SER A 118 4.32 -25.12 15.57
CA SER A 118 4.41 -24.19 16.72
C SER A 118 5.69 -23.35 16.61
N LYS A 119 6.58 -23.83 15.75
CA LYS A 119 7.89 -23.21 15.55
C LYS A 119 8.02 -22.57 14.18
N ALA A 120 8.64 -21.39 14.21
CA ALA A 120 8.93 -20.60 13.01
C ALA A 120 10.28 -20.99 12.39
N LEU A 121 10.24 -21.33 11.10
CA LEU A 121 11.48 -21.57 10.34
C LEU A 121 12.33 -20.32 10.33
N PRO A 122 13.66 -20.49 10.24
CA PRO A 122 14.60 -19.39 10.31
C PRO A 122 14.38 -18.31 9.25
N GLU A 123 13.84 -18.70 8.10
CA GLU A 123 13.59 -17.72 7.02
C GLU A 123 12.44 -16.79 7.35
N SER A 124 11.80 -17.02 8.49
CA SER A 124 10.68 -16.19 8.94
C SER A 124 11.25 -14.81 9.26
N ASP A 125 10.43 -13.78 9.11
CA ASP A 125 10.80 -12.42 9.55
C ASP A 125 9.64 -11.82 10.33
N VAL A 126 9.58 -12.21 11.60
CA VAL A 126 8.57 -11.68 12.50
C VAL A 126 9.31 -10.87 13.56
N VAL A 127 9.15 -9.57 13.50
CA VAL A 127 9.94 -8.71 14.36
C VAL A 127 9.11 -7.74 15.20
N PRO A 128 9.69 -7.28 16.29
CA PRO A 128 8.93 -6.45 17.20
C PRO A 128 8.56 -5.08 16.66
N VAL A 129 7.58 -4.51 17.32
CA VAL A 129 7.04 -3.20 16.93
C VAL A 129 8.14 -2.16 16.77
N ALA A 130 9.06 -2.13 17.73
CA ALA A 130 10.06 -1.06 17.78
C ALA A 130 10.93 -1.12 16.52
N GLU A 131 11.20 -2.34 16.08
CA GLU A 131 12.01 -2.48 14.87
C GLU A 131 11.18 -2.20 13.63
N ARG A 132 9.92 -2.64 13.69
CA ARG A 132 9.03 -2.47 12.53
C ARG A 132 8.87 -0.99 12.16
N VAL A 133 8.96 -0.13 13.16
CA VAL A 133 8.59 1.27 12.94
C VAL A 133 9.81 2.18 12.79
N LYS A 134 10.99 1.56 12.82
CA LYS A 134 12.25 2.33 12.79
C LYS A 134 12.32 3.30 11.58
N HIS A 135 11.98 2.78 10.40
CA HIS A 135 12.03 3.60 9.18
C HIS A 135 11.03 4.74 9.23
N LEU A 136 9.94 4.53 9.94
CA LEU A 136 8.90 5.54 10.03
C LEU A 136 9.38 6.70 10.91
N GLU A 137 10.11 6.33 11.95
CA GLU A 137 10.69 7.28 12.90
C GLU A 137 11.67 8.16 12.15
N ASP A 138 12.41 7.57 11.24
CA ASP A 138 13.50 8.27 10.53
C ASP A 138 12.93 9.16 9.43
N CYS A 139 11.89 8.67 8.75
CA CYS A 139 11.41 9.30 7.52
C CYS A 139 10.20 10.20 7.70
N LEU A 140 9.40 9.90 8.71
CA LEU A 140 8.19 10.67 9.02
C LEU A 140 7.31 10.97 7.79
N PRO A 141 6.87 9.92 7.06
CA PRO A 141 5.93 10.12 5.96
C PRO A 141 4.58 10.55 6.49
N GLU A 142 3.72 11.06 5.62
CA GLU A 142 2.37 11.47 6.06
C GLU A 142 1.51 10.26 6.35
N ILE A 143 1.80 9.21 5.59
CA ILE A 143 0.99 7.98 5.63
C ILE A 143 1.90 6.77 5.69
N ALA A 144 1.45 5.72 6.36
CA ALA A 144 2.11 4.39 6.27
C ALA A 144 1.07 3.28 6.27
N SER A 145 1.39 2.21 5.54
CA SER A 145 0.48 1.08 5.36
CA SER A 145 0.47 1.09 5.36
C SER A 145 0.61 0.03 6.46
N LEU A 146 -0.54 -0.34 6.97
CA LEU A 146 -0.69 -1.30 8.04
C LEU A 146 -1.71 -2.36 7.65
N ASP A 147 -1.21 -3.59 7.53
CA ASP A 147 -2.01 -4.73 7.11
C ASP A 147 -2.66 -5.29 8.36
N ILE A 148 -3.95 -4.99 8.53
CA ILE A 148 -4.61 -5.27 9.83
C ILE A 148 -5.26 -6.64 9.86
N THR A 149 -4.42 -7.63 9.60
CA THR A 149 -4.85 -9.00 9.32
C THR A 149 -3.81 -10.03 9.67
N THR A 150 -4.30 -11.21 10.00
CA THR A 150 -3.51 -12.45 10.11
C THR A 150 -4.18 -13.48 9.24
N GLY A 151 -3.40 -14.14 8.42
CA GLY A 151 -3.99 -15.09 7.48
C GLY A 151 -3.03 -15.83 6.60
N ASN A 152 -3.60 -16.86 6.00
CA ASN A 152 -2.92 -17.66 4.97
C ASN A 152 -2.79 -16.83 3.70
N GLN A 153 -1.55 -16.66 3.27
CA GLN A 153 -1.26 -15.89 2.07
C GLN A 153 -0.41 -16.62 1.06
N VAL A 154 -0.47 -16.09 -0.15
CA VAL A 154 0.26 -16.64 -1.31
C VAL A 154 0.89 -15.51 -2.11
N GLU A 155 2.17 -15.68 -2.40
CA GLU A 155 2.89 -14.80 -3.34
C GLU A 155 3.57 -15.68 -4.36
N GLY A 156 2.99 -15.71 -5.54
CA GLY A 156 3.41 -16.62 -6.60
C GLY A 156 3.14 -18.05 -6.19
N LYS A 157 4.21 -18.80 -6.01
CA LYS A 157 4.12 -20.20 -5.66
C LYS A 157 4.38 -20.34 -4.17
N LEU A 158 4.72 -19.23 -3.54
CA LEU A 158 5.09 -19.20 -2.11
C LEU A 158 3.88 -19.04 -1.17
N GLU A 159 3.67 -20.07 -0.35
CA GLU A 159 2.61 -20.05 0.69
C GLU A 159 3.20 -19.73 2.06
N PHE A 160 2.58 -18.77 2.73
CA PHE A 160 3.02 -18.37 4.07
C PHE A 160 1.86 -17.84 4.89
N VAL A 161 2.22 -17.46 6.11
CA VAL A 161 1.31 -16.84 7.06
C VAL A 161 1.74 -15.41 7.40
N TYR A 162 0.79 -14.51 7.23
CA TYR A 162 0.93 -13.10 7.68
CA TYR A 162 0.97 -13.15 7.67
C TYR A 162 0.48 -13.07 9.11
N LEU A 163 1.41 -12.71 9.98
CA LEU A 163 1.15 -12.70 11.44
C LEU A 163 1.22 -11.31 12.04
N ASN A 164 0.03 -10.74 12.15
CA ASN A 164 -0.18 -9.46 12.79
CA ASN A 164 -0.19 -9.44 12.79
C ASN A 164 -1.26 -9.56 13.88
N THR A 165 -0.80 -9.84 15.08
CA THR A 165 -1.69 -10.03 16.23
C THR A 165 -2.38 -8.73 16.52
N THR A 166 -3.58 -8.80 17.06
CA THR A 166 -4.34 -7.58 17.37
C THR A 166 -3.55 -6.75 18.40
N ARG A 167 -2.75 -7.46 19.18
CA ARG A 167 -1.91 -6.83 20.21
C ARG A 167 -0.84 -5.95 19.56
N THR A 168 -0.19 -6.56 18.58
CA THR A 168 0.81 -5.85 17.77
C THR A 168 0.22 -4.71 16.96
N LEU A 169 -0.97 -4.93 16.42
CA LEU A 169 -1.64 -3.91 15.60
C LEU A 169 -2.03 -2.70 16.46
N ARG A 170 -2.48 -2.99 17.68
CA ARG A 170 -2.83 -1.92 18.60
C ARG A 170 -1.60 -1.06 18.93
N ALA A 171 -0.49 -1.74 19.14
CA ALA A 171 0.77 -1.06 19.52
C ALA A 171 1.28 -0.19 18.36
N ALA A 173 -0.56 1.02 15.84
CA ALA A 173 -1.50 2.12 15.67
C ALA A 173 -1.13 3.26 16.60
N ARG A 174 -0.84 2.88 17.85
CA ARG A 174 -0.43 3.86 18.87
C ARG A 174 0.87 4.59 18.50
N ARG A 175 1.84 3.84 17.96
CA ARG A 175 3.10 4.43 17.54
C ARG A 175 2.88 5.45 16.41
N PHE A 176 1.99 5.09 15.49
CA PHE A 176 1.71 5.99 14.35
C PHE A 176 1.11 7.28 14.89
N GLN A 177 0.23 7.15 15.88
CA GLN A 177 -0.42 8.34 16.46
C GLN A 177 0.61 9.27 17.05
N GLU A 178 1.50 8.65 17.80
CA GLU A 178 2.61 9.37 18.47
C GLU A 178 3.53 10.09 17.49
N LEU A 179 3.77 9.44 16.37
CA LEU A 179 4.69 9.94 15.32
C LEU A 179 4.00 10.91 14.37
N GLY A 180 2.69 10.96 14.47
CA GLY A 180 1.88 11.84 13.60
C GLY A 180 1.67 11.34 12.18
N ILE A 181 1.75 10.03 12.05
CA ILE A 181 1.60 9.33 10.77
C ILE A 181 0.21 8.69 10.70
N LYS A 182 -0.46 8.90 9.56
CA LYS A 182 -1.80 8.34 9.36
C LYS A 182 -1.70 6.92 8.82
N PRO A 183 -2.28 5.92 9.51
CA PRO A 183 -2.27 4.61 8.89
C PRO A 183 -3.30 4.46 7.79
N GLU A 184 -2.85 3.78 6.73
CA GLU A 184 -3.72 3.18 5.72
C GLU A 184 -3.97 1.73 6.12
N LEU A 185 -5.20 1.50 6.55
CA LEU A 185 -5.60 0.20 7.08
C LEU A 185 -5.96 -0.71 5.93
N GLU A 186 -5.05 -1.65 5.70
CA GLU A 186 -5.17 -2.60 4.59
C GLU A 186 -5.95 -3.83 5.05
N VAL A 187 -7.05 -4.05 4.35
CA VAL A 187 -8.03 -5.11 4.69
C VAL A 187 -8.26 -6.12 3.57
N PHE A 188 -8.36 -7.39 4.01
CA PHE A 188 -8.47 -8.54 3.09
C PHE A 188 -9.78 -9.29 3.25
N SER A 189 -10.62 -8.79 4.15
CA SER A 189 -11.86 -9.49 4.55
C SER A 189 -12.78 -8.55 5.31
N PRO A 190 -14.03 -8.96 5.50
CA PRO A 190 -14.94 -8.11 6.32
C PRO A 190 -14.48 -8.09 7.78
N GLY A 191 -13.97 -9.22 8.23
CA GLY A 191 -13.46 -9.36 9.58
C GLY A 191 -12.37 -8.36 9.88
N ASP A 192 -11.52 -8.15 8.88
CA ASP A 192 -10.44 -7.17 8.99
C ASP A 192 -11.01 -5.75 9.15
N ILE A 193 -12.06 -5.46 8.41
CA ILE A 193 -12.75 -4.15 8.48
C ILE A 193 -13.31 -3.95 9.91
N LEU A 194 -13.89 -5.01 10.45
CA LEU A 194 -14.44 -4.94 11.83
C LEU A 194 -13.34 -4.59 12.82
N PHE A 195 -12.17 -5.18 12.64
CA PHE A 195 -11.08 -4.91 13.58
C PHE A 195 -10.60 -3.46 13.43
N GLY A 196 -10.57 -2.97 12.19
CA GLY A 196 -10.24 -1.56 11.93
C GLY A 196 -11.18 -0.65 12.69
N LYS A 197 -12.45 -1.02 12.68
CA LYS A 197 -13.50 -0.25 13.36
C LYS A 197 -13.29 -0.30 14.87
N GLN A 198 -12.74 -1.42 15.34
CA GLN A 198 -12.42 -1.59 16.78
C GLN A 198 -11.27 -0.67 17.19
N LEU A 199 -10.28 -0.57 16.32
CA LEU A 199 -9.16 0.35 16.54
C LEU A 199 -9.68 1.78 16.72
N ILE A 200 -10.68 2.11 15.92
CA ILE A 200 -11.23 3.47 15.90
C ILE A 200 -11.95 3.68 17.22
N GLU A 201 -12.70 2.66 17.59
CA GLU A 201 -13.45 2.61 18.87
C GLU A 201 -12.57 2.92 20.06
N GLU A 202 -11.42 2.29 20.02
CA GLU A 202 -10.44 2.29 21.12
C GLU A 202 -9.56 3.54 21.17
N GLY A 203 -9.87 4.48 20.31
CA GLY A 203 -9.14 5.75 20.27
C GLY A 203 -7.75 5.64 19.68
N LEU A 204 -7.56 4.70 18.77
CA LEU A 204 -6.22 4.41 18.24
C LEU A 204 -6.05 4.90 16.81
N ILE A 205 -7.08 5.54 16.30
CA ILE A 205 -7.10 6.08 14.91
C ILE A 205 -7.55 7.54 14.90
N ASP A 206 -6.61 8.40 14.62
CA ASP A 206 -6.85 9.84 14.56
C ASP A 206 -7.53 10.36 13.29
N GLY A 207 -8.33 11.39 13.50
CA GLY A 207 -8.92 12.13 12.39
C GLY A 207 -9.75 11.27 11.45
N VAL A 208 -9.56 11.56 10.17
CA VAL A 208 -10.20 10.79 9.08
C VAL A 208 -9.54 9.40 8.97
N PRO A 209 -10.31 8.33 9.23
CA PRO A 209 -9.76 6.99 9.04
C PRO A 209 -9.61 6.65 7.56
N LEU A 210 -8.55 5.91 7.29
CA LEU A 210 -8.22 5.43 5.92
C LEU A 210 -8.23 3.92 5.85
N PHE A 211 -9.11 3.42 4.99
CA PHE A 211 -9.24 1.98 4.74
C PHE A 211 -8.93 1.70 3.25
N GLN A 212 -8.23 0.62 3.03
CA GLN A 212 -8.06 0.11 1.66
C GLN A 212 -8.27 -1.38 1.55
N VAL A 214 -7.59 -4.65 -0.27
CA VAL A 214 -6.73 -5.48 -1.11
C VAL A 214 -7.57 -6.60 -1.72
N LEU A 215 -7.73 -6.57 -3.04
CA LEU A 215 -8.59 -7.54 -3.73
C LEU A 215 -7.84 -8.47 -4.66
N GLY A 216 -8.19 -9.73 -4.56
CA GLY A 216 -7.65 -10.79 -5.42
C GLY A 216 -6.37 -11.43 -4.96
N VAL A 217 -5.95 -11.12 -3.75
CA VAL A 217 -4.79 -11.81 -3.15
C VAL A 217 -5.32 -13.10 -2.51
N LEU A 218 -4.58 -14.19 -2.69
CA LEU A 218 -4.96 -15.46 -2.07
C LEU A 218 -4.37 -15.48 -0.63
N TRP A 219 -5.12 -15.84 0.42
CA TRP A 219 -6.49 -16.34 0.38
C TRP A 219 -7.41 -15.32 1.04
N GLY A 220 -7.44 -14.16 0.42
CA GLY A 220 -8.35 -13.05 0.76
C GLY A 220 -9.55 -12.82 -0.16
N ALA A 221 -10.17 -11.67 0.01
CA ALA A 221 -11.40 -11.34 -0.70
C ALA A 221 -11.08 -11.17 -2.20
N PRO A 222 -11.94 -11.69 -3.07
CA PRO A 222 -11.70 -11.61 -4.52
C PRO A 222 -12.03 -10.25 -5.11
N ALA A 223 -11.48 -10.07 -6.30
CA ALA A 223 -11.69 -8.85 -7.10
C ALA A 223 -13.02 -8.93 -7.87
N SER A 224 -14.10 -8.59 -7.21
CA SER A 224 -15.39 -8.49 -7.85
C SER A 224 -16.12 -7.24 -7.39
N THR A 225 -17.02 -6.79 -8.23
CA THR A 225 -17.89 -5.66 -7.86
C THR A 225 -18.70 -5.95 -6.58
N GLU A 226 -19.14 -7.18 -6.48
CA GLU A 226 -19.96 -7.64 -5.37
C GLU A 226 -19.18 -7.55 -4.08
N THR A 227 -17.90 -7.90 -4.16
CA THR A 227 -17.03 -7.88 -3.01
C THR A 227 -16.87 -6.44 -2.54
N ILE A 229 -18.76 -3.77 -3.11
CA ILE A 229 -20.01 -3.16 -2.58
C ILE A 229 -20.26 -3.61 -1.14
N TYR A 230 -20.09 -4.91 -0.95
CA TYR A 230 -20.35 -5.56 0.35
C TYR A 230 -19.43 -5.01 1.42
N GLN A 231 -18.14 -4.97 1.09
CA GLN A 231 -17.15 -4.51 2.03
C GLN A 231 -17.28 -2.99 2.26
N ARG A 232 -17.63 -2.26 1.21
CA ARG A 232 -17.76 -0.82 1.34
C ARG A 232 -18.79 -0.48 2.40
N ASN A 233 -19.85 -1.27 2.42
CA ASN A 233 -20.99 -0.97 3.29
CA ASN A 233 -21.00 -1.03 3.31
C ASN A 233 -20.66 -1.20 4.77
N LEU A 234 -19.53 -1.87 5.03
CA LEU A 234 -19.04 -2.12 6.41
C LEU A 234 -18.12 -1.01 6.90
N ILE A 235 -17.65 -0.21 5.95
CA ILE A 235 -16.68 0.87 6.27
C ILE A 235 -17.40 2.09 6.88
N PRO A 236 -16.84 2.68 7.95
CA PRO A 236 -17.52 3.84 8.54
C PRO A 236 -17.77 4.98 7.58
N ALA A 237 -18.92 5.64 7.76
CA ALA A 237 -19.34 6.70 6.86
C ALA A 237 -18.36 7.88 6.78
N ASN A 238 -17.63 8.09 7.86
CA ASN A 238 -16.72 9.25 7.95
C ASN A 238 -15.31 8.95 7.43
N ALA A 239 -15.15 7.74 6.96
CA ALA A 239 -13.84 7.28 6.52
C ALA A 239 -13.68 7.46 5.04
N GLN A 240 -12.43 7.60 4.63
CA GLN A 240 -12.05 7.49 3.23
C GLN A 240 -11.69 6.04 2.98
N TRP A 241 -12.09 5.52 1.81
CA TRP A 241 -11.74 4.15 1.43
C TRP A 241 -11.25 4.08 0.01
N ALA A 242 -10.42 3.07 -0.22
CA ALA A 242 -9.88 2.72 -1.54
C ALA A 242 -9.98 1.22 -1.74
N ALA A 243 -9.81 0.81 -2.99
CA ALA A 243 -9.77 -0.60 -3.35
C ALA A 243 -8.86 -0.74 -4.54
N PHE A 244 -8.11 -1.82 -4.60
CA PHE A 244 -7.29 -2.10 -5.78
C PHE A 244 -7.20 -3.58 -6.11
N GLY A 245 -6.84 -3.85 -7.35
CA GLY A 245 -6.59 -5.17 -7.82
C GLY A 245 -5.19 -5.34 -8.42
N ILE A 246 -4.93 -6.59 -8.69
CA ILE A 246 -3.63 -7.07 -9.16
CA ILE A 246 -3.62 -6.99 -9.20
C ILE A 246 -3.72 -7.52 -10.61
N GLY A 247 -2.64 -7.30 -11.34
CA GLY A 247 -2.53 -7.74 -12.73
C GLY A 247 -3.65 -7.21 -13.60
N ARG A 248 -4.34 -8.16 -14.25
CA ARG A 248 -5.41 -7.80 -15.19
CA ARG A 248 -5.41 -7.81 -15.20
C ARG A 248 -6.60 -7.17 -14.51
N ASP A 249 -6.66 -7.33 -13.18
CA ASP A 249 -7.72 -6.69 -12.40
C ASP A 249 -7.43 -5.28 -11.93
N GLN A 250 -6.25 -4.78 -12.23
CA GLN A 250 -5.85 -3.46 -11.73
C GLN A 250 -6.79 -2.36 -12.28
N PRO A 252 -9.83 -2.59 -14.05
CA PRO A 252 -11.23 -2.81 -13.64
C PRO A 252 -11.52 -2.40 -12.19
N ALA A 255 -11.53 1.46 -11.80
CA ALA A 255 -12.74 2.11 -12.33
C ALA A 255 -13.91 1.84 -11.39
N GLN A 256 -13.96 0.63 -10.87
CA GLN A 256 -15.09 0.20 -10.02
C GLN A 256 -15.09 0.95 -8.71
N ALA A 257 -13.90 1.17 -8.16
CA ALA A 257 -13.77 1.99 -6.94
C ALA A 257 -14.19 3.41 -7.20
N ALA A 258 -13.72 3.99 -8.30
CA ALA A 258 -14.08 5.39 -8.65
C ALA A 258 -15.60 5.52 -8.72
N LEU A 259 -16.21 4.53 -9.34
CA LEU A 259 -17.67 4.54 -9.57
C LEU A 259 -18.50 4.47 -8.27
N LEU A 260 -17.89 3.90 -7.23
CA LEU A 260 -18.57 3.59 -5.94
C LEU A 260 -18.22 4.59 -4.83
N GLY A 261 -17.45 5.60 -5.19
CA GLY A 261 -17.04 6.68 -4.28
C GLY A 261 -15.76 6.47 -3.51
N GLY A 262 -15.03 5.45 -3.94
CA GLY A 262 -13.71 5.13 -3.34
C GLY A 262 -12.56 5.78 -4.07
N ASN A 263 -11.42 5.76 -3.39
CA ASN A 263 -10.18 6.20 -4.01
C ASN A 263 -9.51 4.99 -4.63
N VAL A 264 -8.42 5.24 -5.34
CA VAL A 264 -7.83 4.25 -6.24
C VAL A 264 -6.32 4.14 -6.13
N ARG A 265 -5.82 3.04 -6.71
CA ARG A 265 -4.41 2.72 -6.70
C ARG A 265 -4.04 1.94 -7.96
N VAL A 266 -2.93 2.36 -8.54
CA VAL A 266 -2.24 1.64 -9.59
C VAL A 266 -0.75 1.56 -9.28
N GLY A 267 0.00 1.00 -10.22
CA GLY A 267 1.45 0.88 -10.07
C GLY A 267 2.06 -0.48 -10.32
N LEU A 268 3.37 -0.46 -10.51
CA LEU A 268 4.14 -1.66 -10.82
C LEU A 268 4.20 -2.66 -9.66
N GLU A 269 3.89 -2.18 -8.44
CA GLU A 269 3.78 -3.07 -7.28
C GLU A 269 2.71 -4.13 -7.54
N ASP A 270 1.69 -3.75 -8.29
CA ASP A 270 0.46 -4.54 -8.45
C ASP A 270 0.27 -5.19 -9.83
N ASN A 271 0.96 -4.63 -10.82
CA ASN A 271 0.81 -5.02 -12.20
C ASN A 271 1.95 -4.49 -13.04
N LEU A 272 2.61 -5.39 -13.78
CA LEU A 272 3.74 -4.98 -14.62
C LEU A 272 3.38 -4.52 -16.04
N TYR A 273 2.15 -4.78 -16.46
CA TYR A 273 1.77 -4.70 -17.88
C TYR A 273 0.77 -3.61 -18.26
N LEU A 274 1.11 -2.93 -19.36
CA LEU A 274 0.25 -1.87 -19.89
C LEU A 274 -0.85 -2.59 -20.65
N SER A 275 -0.42 -3.61 -21.34
CA SER A 275 -1.29 -4.52 -22.07
C SER A 275 -0.66 -5.87 -22.21
N ARG A 276 -1.38 -6.76 -22.88
CA ARG A 276 -0.89 -8.13 -23.01
C ARG A 276 0.49 -8.14 -23.67
N GLY A 277 1.46 -8.65 -22.91
CA GLY A 277 2.83 -8.78 -23.37
C GLY A 277 3.63 -7.48 -23.44
N VAL A 278 3.06 -6.38 -22.96
CA VAL A 278 3.75 -5.08 -23.02
C VAL A 278 3.94 -4.51 -21.63
N PHE A 279 5.19 -4.32 -21.21
CA PHE A 279 5.48 -3.75 -19.89
C PHE A 279 5.13 -2.25 -19.83
N ALA A 280 4.65 -1.87 -18.66
CA ALA A 280 4.30 -0.47 -18.31
C ALA A 280 5.37 0.23 -17.49
N THR A 281 5.37 1.55 -17.61
CA THR A 281 5.95 2.40 -16.57
C THR A 281 4.84 2.82 -15.57
N ASN A 282 5.27 3.25 -14.39
CA ASN A 282 4.33 3.78 -13.40
C ASN A 282 3.57 4.95 -13.96
N GLY A 283 4.27 5.84 -14.66
CA GLY A 283 3.62 7.00 -15.27
C GLY A 283 2.52 6.64 -16.24
N GLN A 284 2.77 5.60 -17.01
CA GLN A 284 1.77 5.18 -18.00
C GLN A 284 0.50 4.67 -17.30
N LEU A 285 0.70 3.96 -16.22
CA LEU A 285 -0.41 3.38 -15.44
C LEU A 285 -1.24 4.49 -14.82
N VAL A 286 -0.54 5.49 -14.27
CA VAL A 286 -1.21 6.66 -13.70
C VAL A 286 -1.98 7.40 -14.77
N GLU A 287 -1.38 7.56 -15.94
CA GLU A 287 -1.99 8.31 -17.04
C GLU A 287 -3.28 7.64 -17.49
N ARG A 288 -3.23 6.31 -17.54
CA ARG A 288 -4.40 5.53 -18.00
CA ARG A 288 -4.40 5.54 -18.00
C ARG A 288 -5.56 5.67 -17.02
N ALA A 289 -5.24 5.57 -15.74
CA ALA A 289 -6.25 5.64 -14.67
C ALA A 289 -6.89 7.04 -14.64
N ARG A 290 -6.02 8.03 -14.81
CA ARG A 290 -6.44 9.45 -14.81
C ARG A 290 -7.40 9.74 -15.95
N THR A 291 -7.08 9.21 -17.11
CA THR A 291 -7.91 9.35 -18.30
C THR A 291 -9.31 8.76 -18.09
N VAL A 292 -9.35 7.56 -17.51
CA VAL A 292 -10.60 6.90 -17.20
C VAL A 292 -11.44 7.76 -16.22
N ILE A 293 -10.81 8.18 -15.14
CA ILE A 293 -11.48 8.99 -14.09
C ILE A 293 -12.08 10.28 -14.67
N GLU A 294 -11.30 10.93 -15.51
CA GLU A 294 -11.75 12.16 -16.17
C GLU A 294 -12.90 11.89 -17.15
N HIS A 295 -12.78 10.81 -17.91
CA HIS A 295 -13.80 10.45 -18.89
C HIS A 295 -15.13 10.12 -18.18
N LEU A 296 -15.04 9.70 -16.91
CA LEU A 296 -16.23 9.35 -16.12
C LEU A 296 -16.84 10.55 -15.38
N GLY A 297 -16.22 11.71 -15.59
CA GLY A 297 -16.79 12.97 -15.13
C GLY A 297 -16.19 13.42 -13.82
N SER A 299 -12.28 13.86 -11.34
CA SER A 299 -10.89 14.25 -11.53
C SER A 299 -10.00 13.66 -10.47
N VAL A 300 -8.71 13.73 -10.71
CA VAL A 300 -7.73 13.17 -9.81
C VAL A 300 -7.22 14.27 -8.88
N ALA A 301 -7.33 13.99 -7.60
CA ALA A 301 -6.85 14.92 -6.57
C ALA A 301 -5.37 15.23 -6.71
N THR A 302 -5.05 16.51 -6.66
CA THR A 302 -3.65 16.92 -6.50
C THR A 302 -3.22 16.46 -5.10
N PRO A 303 -1.89 16.44 -4.81
CA PRO A 303 -1.45 16.05 -3.47
C PRO A 303 -2.08 16.89 -2.37
N ASP A 304 -2.19 18.19 -2.62
CA ASP A 304 -2.76 19.10 -1.61
C ASP A 304 -4.26 18.88 -1.42
N GLU A 305 -4.95 18.61 -2.52
CA GLU A 305 -6.38 18.26 -2.47
C GLU A 305 -6.59 16.97 -1.69
N ALA A 306 -5.70 16.00 -1.91
CA ALA A 306 -5.78 14.72 -1.21
C ALA A 306 -5.51 14.93 0.28
N ARG A 307 -4.57 15.80 0.58
CA ARG A 307 -4.29 16.13 1.99
C ARG A 307 -5.53 16.70 2.64
N ASP A 308 -6.18 17.62 1.95
CA ASP A 308 -7.41 18.24 2.49
C ASP A 308 -8.53 17.21 2.75
N ILE A 309 -8.72 16.31 1.79
CA ILE A 309 -9.71 15.23 1.88
C ILE A 309 -9.43 14.33 3.11
N GLY A 311 -7.65 15.16 5.75
CA GLY A 311 -7.43 15.98 6.96
C GLY A 311 -5.97 16.03 7.40
N LEU A 312 -5.07 15.88 6.45
CA LEU A 312 -3.63 16.06 6.68
C LEU A 312 -3.32 17.56 6.57
N SER A 313 -2.58 18.06 7.55
CA SER A 313 -2.17 19.47 7.50
C SER A 313 -1.25 19.70 6.32
N ARG A 314 -1.33 20.88 5.75
CA ARG A 314 -0.40 21.23 4.67
C ARG A 314 0.85 21.83 5.30
#